data_5E2N
#
_entry.id   5E2N
#
_cell.length_a   56.087
_cell.length_b   57.597
_cell.length_c   159.749
_cell.angle_alpha   90.000
_cell.angle_beta   90.000
_cell.angle_gamma   90.000
#
_symmetry.space_group_name_H-M   'P 21 21 21'
#
loop_
_entity.id
_entity.type
_entity.pdbx_description
1 polymer 'Carbonic anhydrase 13'
2 non-polymer 'ZINC ION'
3 non-polymer DI(HYDROXYETHYL)ETHER
4 non-polymer 1,2-ETHANEDIOL
5 non-polymer 3-(cyclooctylamino)-2,5,6-trifluoro-4-[(2-hydroxyethyl)sulfonyl]benzenesulfonamide
6 non-polymer 'CITRIC ACID'
7 water water
#
_entity_poly.entity_id   1
_entity_poly.type   'polypeptide(L)'
_entity_poly.pdbx_seq_one_letter_code
;MMSRLSWGYREHNGPIHWKEFFPIADGDQQSPIEIKTKEVKYDSSLRPLSIKYDPSSAKIISNSGHSFNVDFDDTENKSV
LRGGPLTGSYRLRQVHLHWGSADDHGSEHIVDGVSYAAELHVVHWNSDKYPSFVEAAHEPDGLAVLGVFLQIGEPNSQLQ
KITDTLDSIKEKGKQTRFTNFDLLSLLPPSWDYWTYPGSLTVPPLLESVTWIVLKQPINISSQQLAKFRSLLCTAEGEAA
AFLVSNHRPPQPLKGRKVRASFH
;
_entity_poly.pdbx_strand_id   A,B
#
# COMPACT_ATOMS: atom_id res chain seq x y z
N SER A 6 26.27 26.88 -13.29
CA SER A 6 24.98 26.22 -12.90
C SER A 6 25.10 25.50 -11.57
N TRP A 7 23.98 25.35 -10.88
CA TRP A 7 23.99 24.93 -9.48
C TRP A 7 24.35 23.48 -9.28
N GLY A 8 25.10 23.20 -8.21
CA GLY A 8 25.39 21.80 -7.86
C GLY A 8 25.77 21.67 -6.44
N TYR A 9 26.77 20.79 -6.16
CA TYR A 9 27.17 20.61 -4.80
C TYR A 9 28.68 20.65 -4.63
N ARG A 10 29.30 21.25 -5.62
CA ARG A 10 30.77 21.54 -5.60
C ARG A 10 31.08 22.83 -4.85
N GLU A 11 32.39 23.08 -4.66
CA GLU A 11 32.80 24.25 -3.90
C GLU A 11 32.17 25.57 -4.36
N HIS A 12 32.24 25.83 -5.67
CA HIS A 12 31.83 27.11 -6.24
C HIS A 12 30.50 27.10 -6.92
N ASN A 13 29.65 26.14 -6.56
CA ASN A 13 28.23 26.05 -7.10
C ASN A 13 27.27 25.41 -6.11
N GLY A 14 27.79 25.10 -4.93
CA GLY A 14 27.09 24.30 -3.89
C GLY A 14 26.15 25.14 -3.06
N PRO A 15 25.49 24.55 -2.08
CA PRO A 15 24.42 25.18 -1.30
C PRO A 15 24.64 26.57 -0.75
N ILE A 16 25.86 26.85 -0.26
CA ILE A 16 26.18 28.20 0.24
C ILE A 16 26.06 29.26 -0.87
N HIS A 17 26.16 28.89 -2.12
CA HIS A 17 26.04 29.86 -3.22
C HIS A 17 24.66 29.94 -3.85
N TRP A 18 23.71 29.06 -3.45
CA TRP A 18 22.49 29.03 -4.20
C TRP A 18 21.74 30.33 -4.06
N LYS A 19 21.84 30.99 -2.90
CA LYS A 19 21.14 32.32 -2.67
C LYS A 19 21.47 33.36 -3.78
N GLU A 20 22.63 33.20 -4.40
CA GLU A 20 23.05 34.10 -5.51
C GLU A 20 22.15 34.13 -6.72
N PHE A 21 21.53 33.02 -6.98
CA PHE A 21 20.64 32.93 -8.12
C PHE A 21 19.19 32.62 -7.70
N PHE A 22 19.03 32.21 -6.44
CA PHE A 22 17.73 31.78 -5.86
C PHE A 22 17.63 32.38 -4.45
N PRO A 23 17.24 33.68 -4.31
CA PRO A 23 17.32 34.21 -2.96
C PRO A 23 16.27 33.69 -2.02
N ILE A 24 15.27 32.95 -2.56
CA ILE A 24 14.33 32.26 -1.67
C ILE A 24 15.12 31.24 -0.80
N ALA A 25 16.40 30.97 -1.18
CA ALA A 25 17.25 30.11 -0.33
C ALA A 25 17.30 30.54 1.13
N ASP A 26 17.20 31.88 1.41
CA ASP A 26 17.14 32.37 2.79
C ASP A 26 15.72 32.73 3.27
N GLY A 27 14.71 32.11 2.63
CA GLY A 27 13.30 32.27 2.99
C GLY A 27 12.86 31.77 4.36
N ASP A 28 11.57 31.86 4.58
CA ASP A 28 11.08 31.51 5.86
C ASP A 28 10.53 30.11 5.90
N GLN A 29 10.41 29.42 4.73
CA GLN A 29 9.86 28.07 4.77
C GLN A 29 10.77 27.15 3.99
N GLN A 30 12.05 27.12 4.37
CA GLN A 30 13.06 26.38 3.58
C GLN A 30 13.28 25.06 4.22
N SER A 31 13.64 24.06 3.40
CA SER A 31 13.96 22.74 3.84
C SER A 31 15.33 22.33 3.34
N PRO A 32 15.94 21.33 3.99
CA PRO A 32 15.43 20.55 5.07
C PRO A 32 15.63 21.29 6.41
N ILE A 33 15.28 20.58 7.49
CA ILE A 33 15.25 21.27 8.84
C ILE A 33 15.82 20.28 9.85
N GLU A 34 16.17 20.80 11.03
CA GLU A 34 16.33 19.96 12.23
C GLU A 34 15.05 19.82 12.99
N ILE A 35 14.75 18.59 13.37
CA ILE A 35 13.55 18.24 14.13
C ILE A 35 14.04 18.02 15.58
N LYS A 36 13.56 18.88 16.48
CA LYS A 36 13.84 18.80 17.93
C LYS A 36 12.58 18.13 18.53
N THR A 37 12.63 16.82 18.80
CA THR A 37 11.43 16.06 19.20
C THR A 37 10.73 16.60 20.49
N LYS A 38 11.53 17.17 21.39
CA LYS A 38 11.05 17.71 22.68
C LYS A 38 10.00 18.76 22.40
N GLU A 39 10.19 19.51 21.32
CA GLU A 39 9.30 20.57 20.93
C GLU A 39 8.11 20.18 20.03
N VAL A 40 8.17 19.01 19.39
CA VAL A 40 7.11 18.51 18.50
C VAL A 40 5.80 18.11 19.23
N LYS A 41 4.64 18.52 18.72
CA LYS A 41 3.36 18.08 19.35
C LYS A 41 2.70 17.02 18.49
N TYR A 42 2.26 15.92 19.11
CA TYR A 42 1.31 14.98 18.50
C TYR A 42 0.06 15.75 18.09
N ASP A 43 -0.49 15.42 16.93
CA ASP A 43 -1.73 16.06 16.48
C ASP A 43 -2.73 14.97 16.07
N SER A 44 -3.76 14.76 16.91
CA SER A 44 -4.77 13.70 16.70
C SER A 44 -5.67 13.93 15.49
N SER A 45 -5.62 15.17 14.93
CA SER A 45 -6.40 15.50 13.71
C SER A 45 -5.78 14.99 12.39
N LEU A 46 -4.54 14.57 12.42
CA LEU A 46 -3.98 13.91 11.23
C LEU A 46 -4.67 12.58 10.92
N ARG A 47 -5.13 12.40 9.68
CA ARG A 47 -5.73 11.15 9.25
C ARG A 47 -4.77 10.03 8.94
N PRO A 48 -5.25 8.78 8.89
CA PRO A 48 -4.30 7.75 8.57
C PRO A 48 -3.65 8.09 7.21
N LEU A 49 -2.34 7.83 7.12
CA LEU A 49 -1.61 7.92 5.83
C LEU A 49 -1.96 6.78 4.92
N SER A 50 -2.25 7.06 3.63
CA SER A 50 -2.76 6.05 2.74
C SER A 50 -1.75 6.02 1.59
N ILE A 51 -1.13 4.86 1.35
CA ILE A 51 -0.22 4.79 0.24
C ILE A 51 -0.61 3.69 -0.74
N LYS A 52 -1.08 4.07 -1.94
CA LYS A 52 -1.42 3.13 -2.96
C LYS A 52 -0.42 3.31 -4.06
N TYR A 53 0.46 2.32 -4.24
N TYR A 53 0.31 2.21 -4.29
CA TYR A 53 1.48 2.43 -5.31
CA TYR A 53 1.42 2.19 -5.21
C TYR A 53 1.42 1.19 -6.21
C TYR A 53 1.32 1.07 -6.23
N ASP A 54 1.42 1.46 -7.51
CA ASP A 54 1.40 0.47 -8.56
C ASP A 54 2.80 0.37 -9.16
N PRO A 55 3.47 -0.77 -9.08
CA PRO A 55 4.75 -0.90 -9.68
C PRO A 55 4.83 -0.56 -11.19
N SER A 56 3.72 -0.74 -11.90
CA SER A 56 3.75 -0.44 -13.32
C SER A 56 3.78 1.04 -13.61
N SER A 57 3.61 1.88 -12.58
CA SER A 57 3.61 3.32 -12.79
C SER A 57 5.01 3.83 -13.05
N ALA A 58 6.02 3.09 -12.64
CA ALA A 58 7.45 3.50 -12.83
C ALA A 58 7.74 3.41 -14.31
N LYS A 59 8.39 4.38 -14.83
CA LYS A 59 8.73 4.38 -16.28
C LYS A 59 10.23 4.36 -16.60
N ILE A 60 10.99 5.32 -16.05
CA ILE A 60 12.39 5.50 -16.46
C ILE A 60 13.21 5.84 -15.22
N ILE A 61 14.48 5.48 -15.26
CA ILE A 61 15.43 6.06 -14.30
C ILE A 61 16.45 6.85 -15.09
N SER A 62 16.86 8.00 -14.56
CA SER A 62 17.85 8.83 -15.24
C SER A 62 18.79 9.46 -14.26
N ASN A 63 19.95 9.92 -14.78
CA ASN A 63 20.88 10.66 -13.98
C ASN A 63 20.66 12.15 -14.32
N SER A 64 20.16 12.94 -13.39
CA SER A 64 19.89 14.34 -13.63
C SER A 64 21.11 15.17 -13.46
N GLY A 65 22.18 14.53 -12.97
CA GLY A 65 23.38 15.30 -12.57
C GLY A 65 23.43 15.63 -11.09
N HIS A 66 22.27 15.57 -10.42
CA HIS A 66 22.16 15.89 -9.02
C HIS A 66 21.73 14.69 -8.14
N SER A 67 21.22 13.62 -8.79
CA SER A 67 20.88 12.35 -8.12
C SER A 67 20.44 11.43 -9.28
N PHE A 68 19.95 10.25 -8.93
CA PHE A 68 19.24 9.47 -9.92
C PHE A 68 17.78 9.92 -9.70
N ASN A 69 16.97 9.90 -10.79
CA ASN A 69 15.51 10.17 -10.59
C ASN A 69 14.75 9.04 -11.25
N VAL A 70 13.86 8.39 -10.51
CA VAL A 70 12.89 7.41 -11.12
C VAL A 70 11.63 8.22 -11.40
N ASP A 71 11.21 8.26 -12.70
CA ASP A 71 9.98 9.05 -13.04
C ASP A 71 8.82 8.13 -13.26
N PHE A 72 7.68 8.61 -12.83
CA PHE A 72 6.43 7.78 -12.86
C PHE A 72 5.44 8.44 -13.78
N ASP A 73 4.58 7.56 -14.26
CA ASP A 73 3.53 7.97 -15.11
C ASP A 73 2.63 8.59 -14.17
N ASP A 74 2.47 9.87 -14.25
N ASP A 74 2.34 9.84 -14.63
CA ASP A 74 1.51 10.54 -13.43
CA ASP A 74 1.82 11.06 -14.01
C ASP A 74 0.28 11.25 -14.17
C ASP A 74 0.56 11.58 -14.64
N THR A 75 -0.17 10.67 -15.28
CA THR A 75 -1.49 11.13 -15.78
C THR A 75 -2.68 10.26 -15.32
N GLU A 76 -2.39 9.40 -14.35
CA GLU A 76 -3.24 8.42 -13.83
C GLU A 76 -3.16 8.48 -12.27
N ASN A 77 -4.23 8.11 -11.59
CA ASN A 77 -4.26 7.99 -10.11
C ASN A 77 -4.02 6.53 -9.62
N LYS A 78 -3.18 5.78 -10.36
CA LYS A 78 -2.80 4.40 -9.92
C LYS A 78 -1.89 4.46 -8.65
N SER A 79 -1.04 5.49 -8.62
CA SER A 79 -0.07 5.60 -7.51
C SER A 79 -0.25 6.96 -6.87
N VAL A 80 -0.81 6.97 -5.70
CA VAL A 80 -1.19 8.20 -5.00
C VAL A 80 -0.98 8.14 -3.49
N LEU A 81 -0.77 9.32 -2.92
CA LEU A 81 -0.56 9.49 -1.50
C LEU A 81 -1.72 10.35 -0.99
N ARG A 82 -2.43 9.77 -0.01
CA ARG A 82 -3.54 10.49 0.62
C ARG A 82 -3.44 10.41 2.11
N GLY A 83 -4.26 11.21 2.81
CA GLY A 83 -4.33 11.07 4.29
C GLY A 83 -3.21 11.85 4.95
N GLY A 84 -2.82 11.44 6.16
CA GLY A 84 -1.89 12.24 6.90
C GLY A 84 -2.36 13.69 7.02
N PRO A 85 -1.48 14.67 6.71
CA PRO A 85 -1.78 16.04 6.75
C PRO A 85 -2.45 16.60 5.45
N LEU A 86 -2.64 15.73 4.45
CA LEU A 86 -3.00 16.18 3.10
C LEU A 86 -4.50 16.29 2.90
N THR A 87 -4.88 17.33 2.16
CA THR A 87 -6.26 17.40 1.62
C THR A 87 -6.28 16.97 0.17
N GLY A 88 -7.03 15.90 -0.18
CA GLY A 88 -7.04 15.48 -1.60
C GLY A 88 -5.94 14.48 -1.94
N SER A 89 -5.78 14.23 -3.22
CA SER A 89 -4.96 13.14 -3.73
C SER A 89 -3.73 13.76 -4.37
N TYR A 90 -2.59 13.27 -3.87
CA TYR A 90 -1.27 13.74 -4.42
C TYR A 90 -0.65 12.60 -5.18
N ARG A 91 -0.44 12.85 -6.46
CA ARG A 91 -0.03 11.84 -7.45
C ARG A 91 1.48 11.62 -7.39
N LEU A 92 1.89 10.39 -7.33
CA LEU A 92 3.34 10.11 -7.33
C LEU A 92 4.01 10.60 -8.61
N ARG A 93 5.13 11.33 -8.53
CA ARG A 93 5.85 11.86 -9.68
C ARG A 93 7.26 11.25 -9.84
N GLN A 94 8.04 11.29 -8.76
CA GLN A 94 9.38 10.80 -8.83
C GLN A 94 10.04 10.42 -7.53
N VAL A 95 11.07 9.63 -7.63
CA VAL A 95 11.81 9.21 -6.43
C VAL A 95 13.28 9.57 -6.73
N HIS A 96 14.01 10.07 -5.67
CA HIS A 96 15.49 10.30 -5.79
C HIS A 96 16.05 10.14 -4.39
N LEU A 97 17.40 10.26 -4.33
CA LEU A 97 18.13 9.99 -3.07
C LEU A 97 19.24 11.05 -2.84
N HIS A 98 19.45 11.33 -1.53
CA HIS A 98 20.52 12.24 -1.14
C HIS A 98 21.50 11.42 -0.23
N TRP A 99 22.77 11.75 -0.41
CA TRP A 99 23.84 11.12 0.45
C TRP A 99 24.92 12.11 0.65
N GLY A 100 25.90 11.70 1.50
CA GLY A 100 27.12 12.52 1.69
C GLY A 100 28.37 11.78 1.20
N SER A 101 29.53 12.43 1.35
CA SER A 101 30.82 11.81 0.91
C SER A 101 31.33 10.74 1.86
N ALA A 102 30.80 10.68 3.04
CA ALA A 102 31.07 9.56 3.91
C ALA A 102 29.81 9.02 4.57
N ASP A 103 29.83 7.77 5.03
CA ASP A 103 28.63 7.19 5.65
C ASP A 103 28.07 7.78 6.89
N ASP A 104 28.83 8.58 7.62
CA ASP A 104 28.37 9.08 8.94
C ASP A 104 27.36 10.24 8.84
N HIS A 105 27.19 10.83 7.64
CA HIS A 105 26.18 11.91 7.52
C HIS A 105 25.85 12.02 6.04
N GLY A 106 24.68 12.55 5.70
CA GLY A 106 24.33 12.46 4.29
C GLY A 106 22.86 12.75 4.19
N SER A 107 22.15 12.52 5.26
CA SER A 107 20.68 12.84 5.20
C SER A 107 20.51 14.36 5.17
N GLU A 108 19.32 14.76 4.69
CA GLU A 108 19.04 16.19 4.61
C GLU A 108 18.38 16.65 5.95
N HIS A 109 17.28 16.02 6.39
CA HIS A 109 16.73 16.25 7.74
C HIS A 109 17.63 15.59 8.78
N ILE A 110 17.66 16.22 9.93
CA ILE A 110 18.50 15.75 11.08
C ILE A 110 17.59 15.74 12.29
N VAL A 111 17.60 14.65 13.06
CA VAL A 111 16.63 14.47 14.17
C VAL A 111 17.38 14.45 15.49
N ASP A 112 17.12 15.50 16.28
CA ASP A 112 17.81 15.62 17.62
C ASP A 112 19.30 15.42 17.42
N GLY A 113 19.82 16.06 16.37
CA GLY A 113 21.28 16.09 16.08
C GLY A 113 21.81 14.82 15.43
N VAL A 114 20.96 13.81 15.23
CA VAL A 114 21.27 12.59 14.45
C VAL A 114 21.14 12.70 12.93
N SER A 115 22.24 12.46 12.22
CA SER A 115 22.23 12.36 10.74
C SER A 115 22.27 10.89 10.35
N TYR A 116 21.55 10.62 9.31
CA TYR A 116 21.62 9.26 8.74
C TYR A 116 22.57 9.24 7.57
N ALA A 117 22.88 8.10 6.98
CA ALA A 117 23.76 8.00 5.84
C ALA A 117 23.17 8.61 4.55
N ALA A 118 21.84 8.46 4.44
CA ALA A 118 21.20 8.97 3.16
C ALA A 118 19.72 9.19 3.48
N GLU A 119 19.02 9.81 2.47
CA GLU A 119 17.60 10.12 2.66
C GLU A 119 16.98 9.97 1.26
N LEU A 120 15.91 9.12 1.23
CA LEU A 120 15.16 8.97 -0.02
C LEU A 120 13.95 9.93 0.04
N HIS A 121 13.67 10.55 -1.14
CA HIS A 121 12.52 11.43 -1.25
C HIS A 121 11.56 10.91 -2.31
N VAL A 122 10.26 10.94 -1.94
CA VAL A 122 9.19 10.42 -2.87
C VAL A 122 8.32 11.65 -3.06
N VAL A 123 8.31 12.16 -4.31
CA VAL A 123 7.69 13.47 -4.63
C VAL A 123 6.31 13.24 -5.29
N HIS A 124 5.32 13.95 -4.75
CA HIS A 124 3.94 13.79 -5.23
C HIS A 124 3.44 15.19 -5.43
N TRP A 125 2.37 15.29 -6.28
CA TRP A 125 1.82 16.63 -6.54
C TRP A 125 0.23 16.62 -6.59
N ASN A 126 -0.33 17.76 -6.20
CA ASN A 126 -1.79 17.91 -6.06
C ASN A 126 -2.53 18.00 -7.41
N SER A 127 -2.93 16.82 -7.88
CA SER A 127 -3.60 16.73 -9.24
C SER A 127 -5.10 16.94 -9.02
N ASP A 128 -5.54 17.08 -7.78
CA ASP A 128 -6.98 17.43 -7.55
C ASP A 128 -7.20 18.93 -7.82
N LYS A 129 -6.15 19.76 -7.72
CA LYS A 129 -6.20 21.20 -7.95
C LYS A 129 -5.45 21.78 -9.11
N TYR A 130 -4.28 21.20 -9.45
CA TYR A 130 -3.38 21.75 -10.43
C TYR A 130 -3.24 20.86 -11.65
N PRO A 131 -2.88 21.45 -12.77
CA PRO A 131 -2.93 20.79 -14.11
C PRO A 131 -1.71 19.94 -14.34
N SER A 132 -0.60 20.22 -13.59
CA SER A 132 0.65 19.55 -13.93
C SER A 132 1.56 19.69 -12.68
N PHE A 133 2.55 18.79 -12.65
CA PHE A 133 3.56 18.83 -11.59
C PHE A 133 4.30 20.17 -11.60
N VAL A 134 4.62 20.67 -12.80
CA VAL A 134 5.30 21.91 -12.95
C VAL A 134 4.51 23.09 -12.38
N GLU A 135 3.20 23.09 -12.65
N GLU A 135 3.19 23.15 -12.57
CA GLU A 135 2.39 24.12 -12.07
CA GLU A 135 2.41 24.25 -11.99
C GLU A 135 2.34 24.02 -10.56
C GLU A 135 2.12 24.07 -10.45
N ALA A 136 2.04 22.83 -10.04
CA ALA A 136 1.80 22.52 -8.62
C ALA A 136 3.06 22.88 -7.80
N ALA A 137 4.23 22.75 -8.41
CA ALA A 137 5.47 23.21 -7.72
C ALA A 137 5.53 24.66 -7.32
N HIS A 138 4.65 25.53 -7.85
CA HIS A 138 4.56 26.92 -7.53
C HIS A 138 3.39 27.30 -6.63
N GLU A 139 2.77 26.33 -5.97
N GLU A 139 2.78 26.26 -6.02
CA GLU A 139 1.71 26.69 -5.07
CA GLU A 139 1.60 26.36 -5.18
C GLU A 139 1.99 26.11 -3.73
C GLU A 139 1.89 25.94 -3.69
N PRO A 140 1.51 26.73 -2.66
CA PRO A 140 1.79 26.24 -1.28
C PRO A 140 1.36 24.86 -0.92
N ASP A 141 0.20 24.44 -1.44
CA ASP A 141 -0.30 23.11 -1.22
C ASP A 141 -0.06 22.26 -2.47
N GLY A 142 0.93 22.65 -3.30
CA GLY A 142 1.10 21.94 -4.56
C GLY A 142 1.75 20.52 -4.40
N LEU A 143 2.82 20.44 -3.54
CA LEU A 143 3.64 19.22 -3.48
C LEU A 143 3.60 18.52 -2.13
N ALA A 144 3.78 17.24 -2.16
CA ALA A 144 3.97 16.48 -0.86
C ALA A 144 5.08 15.52 -1.06
N VAL A 145 6.06 15.56 -0.12
CA VAL A 145 7.30 14.77 -0.30
C VAL A 145 7.45 13.86 0.89
N LEU A 146 7.64 12.56 0.68
CA LEU A 146 7.79 11.63 1.78
C LEU A 146 9.31 11.51 1.90
N GLY A 147 9.84 11.64 3.11
CA GLY A 147 11.29 11.39 3.30
C GLY A 147 11.48 10.10 4.12
N VAL A 148 12.44 9.29 3.73
CA VAL A 148 12.73 8.00 4.43
C VAL A 148 14.25 8.09 4.67
N PHE A 149 14.67 7.97 5.97
CA PHE A 149 16.09 7.86 6.22
C PHE A 149 16.69 6.53 5.97
N LEU A 150 17.94 6.53 5.52
CA LEU A 150 18.71 5.30 5.36
C LEU A 150 19.86 5.30 6.38
N GLN A 151 19.91 4.21 7.15
CA GLN A 151 21.00 4.03 8.14
C GLN A 151 21.92 2.90 7.67
N ILE A 152 23.22 3.01 7.98
CA ILE A 152 24.08 1.89 7.61
C ILE A 152 23.69 0.64 8.38
N GLY A 153 23.47 -0.43 7.63
CA GLY A 153 23.10 -1.71 8.27
C GLY A 153 23.25 -2.81 7.20
N GLU A 154 22.49 -3.86 7.43
CA GLU A 154 22.61 -5.03 6.52
C GLU A 154 22.18 -4.58 5.12
N PRO A 155 22.73 -5.21 4.05
CA PRO A 155 22.33 -4.69 2.74
C PRO A 155 20.84 -4.84 2.51
N ASN A 156 20.31 -3.92 1.71
CA ASN A 156 18.89 -3.86 1.44
C ASN A 156 18.56 -4.36 0.06
N SER A 157 17.98 -5.56 0.06
CA SER A 157 17.68 -6.23 -1.24
C SER A 157 16.75 -5.39 -2.10
N GLN A 158 15.96 -4.50 -1.48
CA GLN A 158 14.99 -3.70 -2.23
C GLN A 158 15.62 -2.59 -2.99
N LEU A 159 16.91 -2.37 -2.80
CA LEU A 159 17.61 -1.35 -3.60
C LEU A 159 18.23 -1.94 -4.85
N GLN A 160 18.14 -3.28 -5.09
CA GLN A 160 18.85 -3.89 -6.20
C GLN A 160 18.40 -3.40 -7.59
N LYS A 161 17.12 -3.22 -7.76
CA LYS A 161 16.67 -2.79 -9.06
C LYS A 161 17.34 -1.44 -9.37
N ILE A 162 17.42 -0.56 -8.36
CA ILE A 162 18.11 0.70 -8.61
C ILE A 162 19.63 0.56 -8.86
N THR A 163 20.30 -0.11 -7.91
CA THR A 163 21.74 -0.23 -8.02
C THR A 163 22.20 -0.92 -9.32
N ASP A 164 21.45 -1.91 -9.76
CA ASP A 164 21.74 -2.57 -11.04
C ASP A 164 21.76 -1.67 -12.27
N THR A 165 21.10 -0.51 -12.18
CA THR A 165 21.07 0.39 -13.30
C THR A 165 22.10 1.46 -13.34
N LEU A 166 22.85 1.62 -12.23
CA LEU A 166 23.73 2.78 -12.14
C LEU A 166 24.85 2.90 -13.17
N ASP A 167 25.43 1.76 -13.55
CA ASP A 167 26.48 1.85 -14.60
C ASP A 167 25.89 2.41 -15.91
N SER A 168 24.66 1.98 -16.20
CA SER A 168 23.98 2.48 -17.40
C SER A 168 23.64 3.95 -17.37
N ILE A 169 23.59 4.51 -16.16
CA ILE A 169 23.26 5.95 -16.10
C ILE A 169 24.36 6.75 -15.45
N LYS A 170 25.63 6.31 -15.71
CA LYS A 170 26.74 6.97 -15.06
C LYS A 170 26.89 8.43 -15.37
N GLU A 171 26.62 8.84 -16.65
CA GLU A 171 26.85 10.23 -17.01
C GLU A 171 25.53 10.97 -16.90
N LYS A 172 25.63 12.23 -16.56
CA LYS A 172 24.46 13.14 -16.56
C LYS A 172 23.72 13.06 -17.91
N GLY A 173 22.40 12.89 -17.82
CA GLY A 173 21.52 12.92 -19.02
C GLY A 173 21.17 11.51 -19.49
N LYS A 174 21.91 10.49 -19.05
CA LYS A 174 21.59 9.12 -19.42
C LYS A 174 20.29 8.65 -18.80
N GLN A 175 19.55 7.84 -19.53
CA GLN A 175 18.32 7.25 -19.00
C GLN A 175 18.16 5.81 -19.42
N THR A 176 17.35 5.10 -18.64
N THR A 176 17.36 5.04 -18.68
CA THR A 176 17.14 3.69 -18.85
CA THR A 176 17.02 3.67 -19.10
C THR A 176 15.73 3.31 -18.52
C THR A 176 15.66 3.23 -18.63
N ARG A 177 15.16 2.38 -19.27
N ARG A 177 15.06 2.27 -19.32
CA ARG A 177 13.85 1.87 -18.97
CA ARG A 177 13.75 1.83 -18.92
C ARG A 177 13.73 1.30 -17.52
C ARG A 177 13.80 1.41 -17.46
N PHE A 178 12.72 1.70 -16.75
CA PHE A 178 12.66 1.29 -15.33
C PHE A 178 11.22 1.14 -14.96
N THR A 179 10.72 -0.08 -15.07
CA THR A 179 9.33 -0.30 -14.68
C THR A 179 9.20 -1.52 -13.79
N ASN A 180 7.99 -1.73 -13.26
CA ASN A 180 7.76 -2.83 -12.32
C ASN A 180 8.62 -2.69 -11.10
N PHE A 181 8.57 -1.47 -10.60
CA PHE A 181 9.39 -1.09 -9.46
C PHE A 181 8.56 -1.16 -8.19
N ASP A 182 9.02 -1.97 -7.23
CA ASP A 182 8.30 -2.03 -5.90
C ASP A 182 8.75 -0.98 -4.86
N LEU A 183 8.20 0.20 -5.02
CA LEU A 183 8.51 1.33 -4.13
C LEU A 183 8.03 1.11 -2.70
N LEU A 184 6.88 0.45 -2.59
CA LEU A 184 6.21 0.32 -1.32
C LEU A 184 7.13 -0.40 -0.35
N SER A 185 7.89 -1.39 -0.86
N SER A 185 7.89 -1.40 -0.84
CA SER A 185 8.82 -2.19 -0.08
CA SER A 185 8.81 -2.17 -0.01
C SER A 185 10.15 -1.55 0.28
C SER A 185 10.05 -1.45 0.44
N LEU A 186 10.36 -0.30 -0.16
CA LEU A 186 11.50 0.46 0.23
C LEU A 186 11.17 1.21 1.53
N LEU A 187 9.91 1.50 1.83
CA LEU A 187 9.42 2.06 3.06
C LEU A 187 9.58 1.17 4.32
N PRO A 188 9.83 1.80 5.49
CA PRO A 188 10.04 0.96 6.64
C PRO A 188 8.69 0.43 7.14
N PRO A 189 8.79 -0.53 8.08
CA PRO A 189 7.48 -1.11 8.47
C PRO A 189 6.58 -0.15 9.21
N SER A 190 7.13 0.70 10.11
CA SER A 190 6.32 1.76 10.62
C SER A 190 6.32 3.03 9.79
N TRP A 191 5.14 3.66 9.66
CA TRP A 191 4.97 4.91 8.90
C TRP A 191 4.71 6.10 9.79
N ASP A 192 5.07 6.00 11.06
CA ASP A 192 4.96 7.15 11.92
C ASP A 192 5.89 8.26 11.33
N TYR A 193 5.41 9.48 11.41
CA TYR A 193 6.11 10.63 10.75
C TYR A 193 6.00 11.94 11.46
N TRP A 194 6.85 12.85 11.04
CA TRP A 194 6.76 14.24 11.34
C TRP A 194 6.33 15.03 10.08
N THR A 195 5.62 16.11 10.27
CA THR A 195 5.23 16.94 9.10
C THR A 195 5.29 18.39 9.34
N TYR A 196 5.73 19.12 8.35
CA TYR A 196 5.86 20.60 8.46
C TYR A 196 5.82 21.21 7.05
N PRO A 197 5.58 22.52 6.94
CA PRO A 197 5.56 23.23 5.62
C PRO A 197 6.96 23.67 5.25
N GLY A 198 7.42 23.27 4.04
CA GLY A 198 8.74 23.69 3.61
C GLY A 198 8.83 23.71 2.11
N SER A 199 9.99 23.31 1.63
CA SER A 199 10.40 23.70 0.23
C SER A 199 11.09 22.58 -0.47
N LEU A 200 11.29 22.76 -1.77
CA LEU A 200 12.22 21.87 -2.49
C LEU A 200 13.61 22.10 -1.79
N THR A 201 14.41 21.03 -1.80
CA THR A 201 15.78 21.18 -1.21
C THR A 201 16.82 21.41 -2.27
N VAL A 202 16.41 21.57 -3.52
CA VAL A 202 17.26 21.94 -4.64
C VAL A 202 16.72 23.16 -5.29
N PRO A 203 17.56 23.99 -5.92
CA PRO A 203 17.03 25.06 -6.78
C PRO A 203 15.97 24.45 -7.67
N PRO A 204 14.83 25.18 -7.81
CA PRO A 204 14.54 26.54 -7.44
C PRO A 204 14.07 26.78 -6.00
N LEU A 205 14.08 25.73 -5.14
CA LEU A 205 13.89 25.98 -3.72
C LEU A 205 12.50 26.50 -3.37
N LEU A 206 11.54 26.13 -4.24
CA LEU A 206 10.18 26.71 -4.04
C LEU A 206 9.50 26.22 -2.81
N GLU A 207 8.74 27.13 -2.15
CA GLU A 207 8.09 26.85 -0.90
C GLU A 207 6.70 26.32 -1.14
N SER A 208 6.67 25.12 -1.66
CA SER A 208 5.43 24.47 -2.07
C SER A 208 5.27 23.08 -1.56
N VAL A 209 6.12 22.68 -0.57
CA VAL A 209 6.08 21.30 -0.13
C VAL A 209 5.52 21.06 1.28
N THR A 210 4.60 20.08 1.37
CA THR A 210 4.21 19.53 2.67
C THR A 210 5.12 18.36 2.87
N TRP A 211 6.06 18.53 3.84
CA TRP A 211 7.01 17.42 4.15
C TRP A 211 6.40 16.37 5.07
N ILE A 212 6.64 15.13 4.81
CA ILE A 212 6.23 14.02 5.64
C ILE A 212 7.45 13.15 5.78
N VAL A 213 8.11 13.31 6.98
CA VAL A 213 9.38 12.66 7.18
C VAL A 213 9.13 11.48 8.15
N LEU A 214 9.42 10.27 7.66
CA LEU A 214 9.14 9.02 8.47
C LEU A 214 10.20 8.89 9.57
N LYS A 215 9.75 8.50 10.77
CA LYS A 215 10.72 8.35 11.89
C LYS A 215 11.68 7.14 11.70
N GLN A 216 11.13 6.01 11.24
CA GLN A 216 11.93 4.76 11.21
C GLN A 216 12.81 4.69 10.00
N PRO A 217 14.11 4.55 10.10
CA PRO A 217 14.99 4.39 8.97
C PRO A 217 14.90 3.02 8.33
N ILE A 218 15.31 2.92 7.08
CA ILE A 218 15.60 1.63 6.44
C ILE A 218 17.08 1.43 6.37
N ASN A 219 17.59 0.23 6.03
CA ASN A 219 19.00 0.03 5.97
C ASN A 219 19.58 0.15 4.58
N ILE A 220 20.88 0.38 4.51
CA ILE A 220 21.65 0.30 3.32
C ILE A 220 23.04 -0.11 3.77
N SER A 221 23.70 -0.95 2.99
CA SER A 221 25.09 -1.20 3.38
C SER A 221 26.03 -0.14 2.89
N SER A 222 27.19 -0.11 3.48
N SER A 222 27.24 -0.05 3.41
CA SER A 222 28.21 0.79 2.98
CA SER A 222 28.28 0.91 2.85
C SER A 222 28.53 0.58 1.52
C SER A 222 28.69 0.62 1.40
N GLN A 223 28.75 -0.67 1.06
CA GLN A 223 29.05 -1.02 -0.30
C GLN A 223 27.95 -0.54 -1.25
N GLN A 224 26.71 -0.64 -0.79
CA GLN A 224 25.63 -0.21 -1.73
C GLN A 224 25.66 1.27 -1.80
N LEU A 225 25.82 1.92 -0.64
CA LEU A 225 25.79 3.41 -0.74
C LEU A 225 26.92 3.97 -1.58
N ALA A 226 28.14 3.40 -1.49
CA ALA A 226 29.22 3.80 -2.33
C ALA A 226 29.01 3.79 -3.86
N LYS A 227 28.15 2.90 -4.35
CA LYS A 227 27.85 2.84 -5.75
C LYS A 227 27.15 4.15 -6.24
N PHE A 228 26.39 4.78 -5.33
CA PHE A 228 25.75 6.06 -5.76
C PHE A 228 26.74 7.16 -5.97
N ARG A 229 27.82 7.16 -5.17
CA ARG A 229 28.85 8.18 -5.33
C ARG A 229 29.71 8.05 -6.61
N SER A 230 29.62 6.98 -7.40
N SER A 230 29.56 6.94 -7.34
CA SER A 230 30.32 6.94 -8.69
CA SER A 230 30.17 6.73 -8.67
C SER A 230 29.49 7.53 -9.84
C SER A 230 29.38 7.27 -9.84
N LEU A 231 28.22 7.86 -9.56
CA LEU A 231 27.48 8.57 -10.59
C LEU A 231 28.25 9.86 -10.83
N LEU A 232 28.18 10.38 -12.07
CA LEU A 232 28.81 11.64 -12.40
C LEU A 232 27.84 12.80 -12.38
N CYS A 233 28.32 13.99 -12.07
CA CYS A 233 27.47 15.19 -12.22
C CYS A 233 27.73 15.86 -13.56
N THR A 234 28.60 15.23 -14.33
CA THR A 234 28.98 15.72 -15.65
C THR A 234 28.47 14.82 -16.79
N ALA A 235 28.29 15.43 -17.98
CA ALA A 235 27.77 14.69 -19.11
C ALA A 235 28.89 13.98 -19.90
N GLU A 236 28.53 12.99 -20.71
CA GLU A 236 29.49 12.34 -21.60
C GLU A 236 30.35 13.36 -22.42
N GLY A 237 31.65 13.10 -22.51
CA GLY A 237 32.55 13.89 -23.36
C GLY A 237 33.03 15.13 -22.64
N GLU A 238 32.85 15.12 -21.32
CA GLU A 238 33.15 16.26 -20.49
C GLU A 238 34.05 15.73 -19.37
N ALA A 239 34.96 16.56 -18.86
CA ALA A 239 35.87 16.10 -17.80
C ALA A 239 35.01 15.65 -16.61
N ALA A 240 35.23 14.40 -16.20
CA ALA A 240 34.42 13.82 -15.15
C ALA A 240 34.55 14.49 -13.78
N ALA A 241 33.40 14.62 -13.11
CA ALA A 241 33.38 14.99 -11.71
C ALA A 241 32.32 14.04 -11.15
N PHE A 242 32.56 13.62 -9.93
CA PHE A 242 31.74 12.62 -9.27
C PHE A 242 30.74 13.27 -8.34
N LEU A 243 29.53 12.67 -8.34
CA LEU A 243 28.46 13.11 -7.42
C LEU A 243 28.70 12.42 -5.99
N VAL A 244 29.73 12.89 -5.27
CA VAL A 244 30.02 12.18 -4.00
C VAL A 244 29.18 12.63 -2.86
N SER A 245 28.49 13.81 -3.02
CA SER A 245 27.68 14.33 -1.96
C SER A 245 26.62 15.19 -2.69
N ASN A 246 25.42 15.08 -2.16
CA ASN A 246 24.29 15.83 -2.82
C ASN A 246 23.21 16.12 -1.80
N HIS A 247 23.55 16.57 -0.59
CA HIS A 247 22.61 16.97 0.44
C HIS A 247 22.72 18.40 0.86
N ARG A 248 21.60 19.09 1.05
CA ARG A 248 21.64 20.49 1.50
C ARG A 248 21.58 20.41 3.02
N PRO A 249 22.32 21.31 3.72
CA PRO A 249 22.17 21.36 5.16
C PRO A 249 20.84 21.90 5.66
N PRO A 250 20.41 21.55 6.86
CA PRO A 250 19.15 22.09 7.40
C PRO A 250 19.18 23.60 7.45
N GLN A 251 18.00 24.19 7.28
CA GLN A 251 17.81 25.63 7.31
C GLN A 251 16.96 25.92 8.57
N PRO A 252 16.98 27.17 9.08
CA PRO A 252 16.25 27.49 10.30
C PRO A 252 14.74 27.39 10.15
N LEU A 253 14.07 27.04 11.25
CA LEU A 253 12.62 26.90 11.29
C LEU A 253 11.92 28.19 11.12
N LYS A 254 12.51 29.25 11.67
N LYS A 254 12.51 29.26 11.64
CA LYS A 254 11.98 30.61 11.55
CA LYS A 254 11.95 30.61 11.49
C LYS A 254 10.52 30.66 11.93
C LYS A 254 10.50 30.65 11.92
N GLY A 255 10.14 29.97 13.01
CA GLY A 255 8.79 30.10 13.55
C GLY A 255 7.85 28.97 13.23
N ARG A 256 8.23 28.11 12.27
CA ARG A 256 7.37 27.01 11.98
C ARG A 256 7.40 25.96 13.06
N LYS A 257 6.29 25.25 13.24
CA LYS A 257 6.27 24.16 14.16
C LYS A 257 6.16 22.81 13.39
N VAL A 258 6.83 21.82 13.90
CA VAL A 258 6.76 20.48 13.39
C VAL A 258 5.71 19.66 14.14
N ARG A 259 4.84 18.94 13.47
CA ARG A 259 3.79 18.07 14.11
C ARG A 259 4.15 16.64 14.00
N ALA A 260 3.72 15.80 14.95
CA ALA A 260 3.99 14.36 14.91
C ALA A 260 2.69 13.56 14.74
N SER A 261 2.81 12.44 14.03
CA SER A 261 1.70 11.57 13.78
C SER A 261 1.40 10.62 14.96
N PHE A 262 2.29 10.59 15.93
CA PHE A 262 2.40 9.49 16.89
C PHE A 262 2.65 10.13 18.28
N HIS A 263 2.22 9.47 19.38
CA HIS A 263 2.49 10.07 20.71
C HIS A 263 3.48 9.27 21.47
N SER B 6 -22.30 -33.82 2.44
CA SER B 6 -21.23 -32.81 2.74
C SER B 6 -21.78 -31.38 2.79
N TRP B 7 -20.98 -30.47 3.34
CA TRP B 7 -21.48 -29.16 3.73
C TRP B 7 -21.93 -28.22 2.61
N GLY B 8 -22.88 -27.35 2.90
CA GLY B 8 -23.22 -26.25 1.99
C GLY B 8 -24.05 -25.16 2.65
N TYR B 9 -24.98 -24.56 1.89
CA TYR B 9 -25.79 -23.52 2.45
C TYR B 9 -27.29 -23.79 2.25
N ARG B 10 -27.59 -25.06 2.03
CA ARG B 10 -29.00 -25.49 1.85
C ARG B 10 -29.56 -25.79 3.21
N GLU B 11 -30.87 -26.03 3.29
CA GLU B 11 -31.49 -26.19 4.61
C GLU B 11 -30.88 -27.38 5.37
N HIS B 12 -30.54 -28.45 4.67
CA HIS B 12 -30.09 -29.66 5.32
C HIS B 12 -28.63 -29.68 5.71
N ASN B 13 -27.79 -28.85 5.06
CA ASN B 13 -26.34 -28.99 5.17
C ASN B 13 -25.71 -27.60 5.46
N GLY B 14 -26.58 -26.64 5.81
CA GLY B 14 -26.22 -25.22 5.88
C GLY B 14 -25.65 -24.85 7.22
N PRO B 15 -25.24 -23.60 7.36
CA PRO B 15 -24.54 -23.13 8.56
C PRO B 15 -25.00 -23.65 9.93
N ILE B 16 -26.32 -23.77 10.13
CA ILE B 16 -26.79 -24.10 11.45
C ILE B 16 -26.41 -25.59 11.75
N HIS B 17 -26.12 -26.39 10.70
CA HIS B 17 -25.75 -27.80 10.86
C HIS B 17 -24.28 -28.05 10.86
N TRP B 18 -23.48 -27.02 10.58
CA TRP B 18 -22.05 -27.28 10.44
C TRP B 18 -21.40 -27.80 11.69
N LYS B 19 -21.96 -27.36 12.84
N LYS B 19 -21.86 -27.39 12.86
CA LYS B 19 -21.60 -27.75 14.26
CA LYS B 19 -21.32 -27.91 14.13
C LYS B 19 -21.81 -29.23 14.60
C LYS B 19 -21.40 -29.45 14.10
N GLU B 20 -22.56 -29.95 13.75
CA GLU B 20 -22.76 -31.42 13.80
C GLU B 20 -21.50 -32.17 13.32
N PHE B 21 -20.98 -31.73 12.17
CA PHE B 21 -19.83 -32.24 11.41
C PHE B 21 -18.43 -31.54 11.66
N PHE B 22 -18.41 -30.25 12.02
CA PHE B 22 -17.16 -29.52 12.38
C PHE B 22 -17.35 -28.82 13.74
N PRO B 23 -17.04 -29.51 14.85
CA PRO B 23 -17.38 -28.98 16.17
C PRO B 23 -16.85 -27.61 16.54
N ILE B 24 -15.73 -27.24 15.89
CA ILE B 24 -15.16 -25.92 16.15
C ILE B 24 -16.13 -24.75 15.68
N ALA B 25 -17.16 -25.16 14.95
CA ALA B 25 -18.21 -24.20 14.57
C ALA B 25 -18.74 -23.43 15.81
N ASP B 26 -18.73 -24.13 16.96
CA ASP B 26 -19.09 -23.55 18.25
C ASP B 26 -17.93 -23.06 19.08
N GLY B 27 -16.79 -22.89 18.43
CA GLY B 27 -15.60 -22.39 19.10
C GLY B 27 -15.68 -20.97 19.66
N ASP B 28 -14.55 -20.49 20.23
CA ASP B 28 -14.48 -19.21 20.93
C ASP B 28 -14.02 -18.03 20.01
N GLN B 29 -13.54 -18.33 18.81
CA GLN B 29 -13.03 -17.22 17.94
C GLN B 29 -13.57 -17.45 16.50
N GLN B 30 -14.91 -17.63 16.41
CA GLN B 30 -15.55 -17.89 15.10
C GLN B 30 -15.94 -16.57 14.40
N SER B 31 -15.94 -16.67 13.09
CA SER B 31 -16.32 -15.54 12.19
C SER B 31 -17.45 -15.93 11.28
N PRO B 32 -18.19 -14.94 10.76
CA PRO B 32 -18.08 -13.50 10.90
C PRO B 32 -18.73 -13.03 12.17
N ILE B 33 -18.73 -11.75 12.36
CA ILE B 33 -19.28 -11.15 13.59
C ILE B 33 -20.05 -9.90 13.22
N GLU B 34 -20.83 -9.43 14.19
CA GLU B 34 -21.42 -8.08 14.19
C GLU B 34 -20.36 -7.12 14.61
N ILE B 35 -20.12 -6.11 13.79
CA ILE B 35 -19.24 -5.00 14.17
C ILE B 35 -20.07 -3.82 14.72
N LYS B 36 -19.95 -3.52 16.01
CA LYS B 36 -20.65 -2.44 16.66
C LYS B 36 -19.66 -1.29 16.86
N THR B 37 -19.85 -0.28 16.06
CA THR B 37 -18.82 0.76 15.92
C THR B 37 -18.55 1.52 17.22
N LYS B 38 -19.54 1.63 18.11
CA LYS B 38 -19.38 2.29 19.35
C LYS B 38 -18.68 1.43 20.37
N GLU B 39 -18.56 0.13 20.10
CA GLU B 39 -17.87 -0.76 20.95
C GLU B 39 -16.44 -1.05 20.57
N VAL B 40 -16.08 -0.69 19.33
CA VAL B 40 -14.75 -1.00 18.85
C VAL B 40 -13.74 -0.11 19.53
N LYS B 41 -12.54 -0.64 19.78
CA LYS B 41 -11.47 0.19 20.40
C LYS B 41 -10.55 0.76 19.33
N TYR B 42 -10.45 2.09 19.26
CA TYR B 42 -9.42 2.69 18.41
C TYR B 42 -8.06 2.28 19.00
N ASP B 43 -7.15 1.78 18.18
CA ASP B 43 -5.85 1.34 18.63
C ASP B 43 -4.80 2.10 17.80
N SER B 44 -4.12 3.09 18.40
CA SER B 44 -3.11 3.88 17.67
C SER B 44 -1.84 3.08 17.35
N SER B 45 -1.69 1.87 17.87
CA SER B 45 -0.55 0.98 17.50
C SER B 45 -0.80 0.23 16.15
N LEU B 46 -2.06 0.27 15.66
CA LEU B 46 -2.40 -0.36 14.38
C LEU B 46 -1.74 0.48 13.28
N ARG B 47 -1.34 -0.21 12.23
CA ARG B 47 -0.65 0.49 11.14
C ARG B 47 -1.58 0.55 9.93
N PRO B 48 -1.39 1.54 9.03
CA PRO B 48 -2.07 1.44 7.70
C PRO B 48 -1.74 0.17 6.97
N LEU B 49 -2.64 -0.27 6.08
CA LEU B 49 -2.29 -1.48 5.34
C LEU B 49 -1.20 -1.16 4.26
N SER B 50 -0.26 -2.08 4.10
CA SER B 50 0.75 -2.03 3.06
C SER B 50 0.45 -3.14 2.04
N ILE B 51 -0.06 -2.72 0.88
CA ILE B 51 -0.63 -3.71 -0.07
C ILE B 51 0.08 -3.73 -1.40
N LYS B 52 0.56 -4.89 -1.84
CA LYS B 52 1.14 -5.10 -3.14
C LYS B 52 0.52 -6.31 -3.80
N TYR B 53 -0.19 -6.07 -4.90
CA TYR B 53 -0.85 -7.18 -5.63
C TYR B 53 -0.49 -7.04 -7.10
N ASP B 54 0.20 -8.06 -7.65
CA ASP B 54 0.69 -8.08 -9.02
C ASP B 54 -0.49 -8.65 -9.86
N PRO B 55 -1.02 -7.84 -10.82
CA PRO B 55 -2.15 -8.32 -11.65
C PRO B 55 -1.83 -9.67 -12.34
N SER B 56 -0.56 -10.02 -12.50
CA SER B 56 -0.14 -11.24 -13.21
C SER B 56 -0.19 -12.47 -12.29
N SER B 57 -0.36 -12.23 -10.96
CA SER B 57 -0.45 -13.32 -9.96
C SER B 57 -1.71 -14.16 -10.19
N ALA B 58 -2.83 -13.54 -10.61
CA ALA B 58 -4.10 -14.31 -10.79
C ALA B 58 -3.89 -15.27 -11.94
N LYS B 59 -4.32 -16.52 -11.74
CA LYS B 59 -4.08 -17.51 -12.80
C LYS B 59 -5.35 -18.28 -13.26
N ILE B 60 -6.23 -18.61 -12.32
CA ILE B 60 -7.34 -19.51 -12.62
C ILE B 60 -8.52 -19.05 -11.83
N ILE B 61 -9.71 -19.13 -12.41
CA ILE B 61 -11.00 -18.97 -11.68
C ILE B 61 -11.79 -20.31 -11.74
N SER B 62 -12.35 -20.70 -10.62
CA SER B 62 -13.09 -21.99 -10.57
C SER B 62 -14.36 -21.85 -9.74
N ASN B 63 -15.32 -22.76 -10.02
CA ASN B 63 -16.46 -22.89 -9.14
C ASN B 63 -16.21 -23.99 -8.14
N SER B 64 -16.05 -23.66 -6.88
CA SER B 64 -15.87 -24.70 -5.83
C SER B 64 -17.14 -25.39 -5.38
N GLY B 65 -18.27 -24.94 -5.90
CA GLY B 65 -19.58 -25.32 -5.35
C GLY B 65 -20.08 -24.42 -4.21
N HIS B 66 -19.17 -23.62 -3.55
CA HIS B 66 -19.47 -22.73 -2.42
C HIS B 66 -19.28 -21.26 -2.73
N SER B 67 -18.55 -20.95 -3.80
CA SER B 67 -18.34 -19.58 -4.30
C SER B 67 -17.54 -19.75 -5.59
N PHE B 68 -17.09 -18.68 -6.22
CA PHE B 68 -15.99 -18.84 -7.23
C PHE B 68 -14.71 -18.64 -6.40
N ASN B 69 -13.60 -19.15 -6.89
CA ASN B 69 -12.27 -18.89 -6.30
C ASN B 69 -11.36 -18.46 -7.39
N VAL B 70 -10.76 -17.26 -7.27
CA VAL B 70 -9.65 -16.88 -8.04
C VAL B 70 -8.41 -17.34 -7.33
N ASP B 71 -7.66 -18.21 -7.99
CA ASP B 71 -6.39 -18.72 -7.42
C ASP B 71 -5.23 -17.93 -7.99
N PHE B 72 -4.32 -17.58 -7.07
CA PHE B 72 -3.09 -16.78 -7.42
C PHE B 72 -1.91 -17.69 -7.25
N ASP B 73 -0.89 -17.42 -8.04
CA ASP B 73 0.39 -18.17 -7.97
C ASP B 73 1.04 -17.65 -6.72
N ASP B 74 1.04 -18.45 -5.67
CA ASP B 74 1.71 -18.04 -4.43
C ASP B 74 3.07 -18.79 -4.25
N THR B 75 3.72 -19.09 -5.39
CA THR B 75 5.13 -19.65 -5.44
C THR B 75 6.11 -18.68 -4.79
N GLU B 76 6.00 -17.39 -5.01
CA GLU B 76 6.90 -16.50 -4.26
C GLU B 76 6.18 -15.22 -3.83
N ASN B 77 6.90 -14.19 -3.44
CA ASN B 77 6.35 -13.05 -2.78
C ASN B 77 6.08 -11.89 -3.71
N LYS B 78 5.48 -12.13 -4.87
CA LYS B 78 5.09 -11.00 -5.73
C LYS B 78 3.89 -10.20 -5.16
N SER B 79 2.91 -10.91 -4.52
CA SER B 79 1.67 -10.26 -4.01
C SER B 79 1.63 -10.52 -2.53
N VAL B 80 1.72 -9.43 -1.72
CA VAL B 80 1.77 -9.59 -0.28
C VAL B 80 1.00 -8.51 0.44
N LEU B 81 0.51 -8.83 1.65
CA LEU B 81 -0.07 -7.84 2.53
C LEU B 81 0.79 -7.77 3.75
N ARG B 82 1.05 -6.51 4.14
CA ARG B 82 1.82 -6.23 5.38
C ARG B 82 1.17 -5.06 6.06
N GLY B 83 1.72 -4.71 7.26
CA GLY B 83 1.12 -3.62 8.01
C GLY B 83 -0.19 -4.02 8.65
N GLY B 84 -1.10 -3.05 8.80
CA GLY B 84 -2.35 -3.35 9.52
C GLY B 84 -1.98 -3.86 10.91
N PRO B 85 -2.67 -4.91 11.41
CA PRO B 85 -2.35 -5.56 12.70
C PRO B 85 -1.29 -6.62 12.58
N LEU B 86 -0.75 -6.83 11.39
CA LEU B 86 0.07 -8.01 11.07
C LEU B 86 1.56 -7.84 11.44
N THR B 87 2.11 -8.93 11.96
CA THR B 87 3.59 -9.10 12.11
C THR B 87 4.06 -9.86 10.90
N GLY B 88 4.97 -9.23 10.13
CA GLY B 88 5.52 -9.98 8.96
C GLY B 88 4.62 -9.92 7.71
N SER B 89 4.97 -10.77 6.77
CA SER B 89 4.44 -10.71 5.40
C SER B 89 3.51 -11.86 5.08
N TYR B 90 2.30 -11.49 4.59
CA TYR B 90 1.28 -12.50 4.30
C TYR B 90 1.02 -12.54 2.81
N ARG B 91 1.23 -13.71 2.21
CA ARG B 91 1.24 -13.93 0.78
C ARG B 91 -0.19 -14.15 0.26
N LEU B 92 -0.49 -13.44 -0.84
CA LEU B 92 -1.82 -13.65 -1.44
C LEU B 92 -2.00 -15.07 -2.01
N ARG B 93 -3.16 -15.65 -1.69
CA ARG B 93 -3.48 -17.05 -2.17
C ARG B 93 -4.71 -17.13 -3.06
N GLN B 94 -5.78 -16.46 -2.60
CA GLN B 94 -7.02 -16.63 -3.31
C GLN B 94 -8.04 -15.56 -2.95
N VAL B 95 -9.02 -15.36 -3.86
CA VAL B 95 -10.09 -14.38 -3.60
C VAL B 95 -11.39 -15.12 -3.85
N HIS B 96 -12.39 -14.78 -3.07
CA HIS B 96 -13.78 -15.30 -3.34
C HIS B 96 -14.79 -14.33 -2.81
N LEU B 97 -16.07 -14.63 -2.98
CA LEU B 97 -17.16 -13.73 -2.73
C LEU B 97 -18.31 -14.40 -1.97
N HIS B 98 -18.95 -13.68 -1.05
CA HIS B 98 -20.19 -14.16 -0.44
C HIS B 98 -21.30 -13.17 -0.73
N TRP B 99 -22.50 -13.76 -0.89
CA TRP B 99 -23.74 -12.97 -1.26
C TRP B 99 -24.91 -13.66 -0.64
N GLY B 100 -26.07 -13.04 -0.88
CA GLY B 100 -27.33 -13.57 -0.38
C GLY B 100 -28.32 -13.64 -1.53
N SER B 101 -29.52 -14.16 -1.19
CA SER B 101 -30.54 -14.14 -2.27
C SER B 101 -31.13 -12.80 -2.60
N ALA B 102 -31.01 -11.86 -1.70
CA ALA B 102 -31.47 -10.52 -1.93
C ALA B 102 -30.34 -9.52 -1.74
N ASP B 103 -30.41 -8.40 -2.41
CA ASP B 103 -29.35 -7.36 -2.34
C ASP B 103 -29.26 -6.74 -0.99
N ASP B 104 -30.28 -6.81 -0.17
CA ASP B 104 -30.18 -6.09 1.07
C ASP B 104 -29.58 -6.93 2.19
N HIS B 105 -29.19 -8.19 1.93
CA HIS B 105 -28.69 -9.01 2.98
C HIS B 105 -27.76 -10.09 2.42
N GLY B 106 -26.53 -9.69 2.06
CA GLY B 106 -25.57 -10.64 1.47
C GLY B 106 -24.18 -10.77 2.11
N SER B 107 -23.79 -9.80 2.93
CA SER B 107 -22.45 -9.85 3.51
C SER B 107 -22.43 -10.84 4.68
N GLU B 108 -21.18 -11.14 5.11
CA GLU B 108 -20.97 -11.96 6.29
C GLU B 108 -20.79 -11.10 7.58
N HIS B 109 -19.82 -10.19 7.55
CA HIS B 109 -19.77 -9.21 8.59
C HIS B 109 -20.94 -8.20 8.43
N ILE B 110 -21.44 -7.71 9.56
CA ILE B 110 -22.62 -6.81 9.65
C ILE B 110 -22.13 -5.61 10.50
N VAL B 111 -22.38 -4.40 10.02
CA VAL B 111 -21.91 -3.20 10.67
C VAL B 111 -23.06 -2.37 11.27
N ASP B 112 -23.19 -2.40 12.60
CA ASP B 112 -24.33 -1.76 13.29
C ASP B 112 -25.62 -2.20 12.61
N GLY B 113 -25.74 -3.50 12.37
CA GLY B 113 -26.99 -4.07 11.79
C GLY B 113 -27.11 -3.94 10.28
N VAL B 114 -26.14 -3.27 9.62
CA VAL B 114 -26.25 -3.14 8.13
C VAL B 114 -25.54 -4.32 7.49
N SER B 115 -26.29 -5.14 6.75
CA SER B 115 -25.72 -6.18 5.90
C SER B 115 -25.60 -5.58 4.52
N TYR B 116 -24.43 -5.74 3.90
CA TYR B 116 -24.21 -5.26 2.56
C TYR B 116 -24.65 -6.27 1.51
N ALA B 117 -24.63 -5.87 0.23
CA ALA B 117 -25.06 -6.78 -0.80
C ALA B 117 -24.17 -7.99 -1.00
N ALA B 118 -22.86 -7.83 -0.69
CA ALA B 118 -21.97 -9.00 -0.85
C ALA B 118 -20.68 -8.62 -0.08
N GLU B 119 -19.78 -9.61 -0.02
CA GLU B 119 -18.52 -9.35 0.71
C GLU B 119 -17.44 -10.21 0.01
N LEU B 120 -16.40 -9.48 -0.37
CA LEU B 120 -15.22 -10.05 -1.01
C LEU B 120 -14.16 -10.42 0.07
N HIS B 121 -13.62 -11.61 -0.05
CA HIS B 121 -12.50 -12.04 0.85
C HIS B 121 -11.29 -12.34 0.05
N VAL B 122 -10.17 -11.71 0.56
CA VAL B 122 -8.85 -11.88 -0.03
C VAL B 122 -7.98 -12.61 1.03
N VAL B 123 -7.61 -13.85 0.70
CA VAL B 123 -6.97 -14.75 1.70
C VAL B 123 -5.47 -14.81 1.45
N HIS B 124 -4.78 -14.59 2.63
CA HIS B 124 -3.30 -14.56 2.61
C HIS B 124 -2.77 -15.46 3.66
N TRP B 125 -1.50 -15.89 3.52
CA TRP B 125 -0.89 -16.72 4.54
C TRP B 125 0.54 -16.27 4.89
N ASN B 126 0.89 -16.55 6.13
CA ASN B 126 2.17 -16.07 6.71
C ASN B 126 3.34 -16.94 6.23
N SER B 127 4.01 -16.43 5.21
CA SER B 127 5.16 -17.17 4.67
C SER B 127 6.40 -16.86 5.43
N ASP B 128 6.38 -15.82 6.27
CA ASP B 128 7.58 -15.53 7.08
C ASP B 128 7.74 -16.56 8.21
N LYS B 129 6.67 -17.25 8.63
CA LYS B 129 6.73 -18.24 9.69
C LYS B 129 6.40 -19.63 9.23
N TYR B 130 5.64 -19.82 8.12
CA TYR B 130 5.16 -21.12 7.74
C TYR B 130 5.58 -21.44 6.33
N PRO B 131 5.80 -22.73 6.02
CA PRO B 131 6.29 -23.07 4.67
C PRO B 131 5.21 -23.17 3.57
N SER B 132 3.95 -23.20 3.99
CA SER B 132 2.90 -23.39 2.97
C SER B 132 1.60 -22.86 3.64
N PHE B 133 0.67 -22.52 2.74
CA PHE B 133 -0.68 -22.20 3.15
C PHE B 133 -1.33 -23.27 4.01
N VAL B 134 -1.16 -24.55 3.66
CA VAL B 134 -1.73 -25.63 4.49
C VAL B 134 -1.26 -25.60 5.96
N GLU B 135 0.05 -25.38 6.19
CA GLU B 135 0.49 -25.34 7.56
C GLU B 135 0.05 -24.07 8.27
N ALA B 136 0.04 -22.97 7.50
CA ALA B 136 -0.29 -21.68 8.09
C ALA B 136 -1.79 -21.71 8.53
N ALA B 137 -2.58 -22.47 7.79
CA ALA B 137 -4.03 -22.50 8.07
C ALA B 137 -4.40 -23.10 9.43
N HIS B 138 -3.44 -23.75 10.10
CA HIS B 138 -3.68 -24.39 11.38
C HIS B 138 -3.01 -23.71 12.53
N GLU B 139 -2.63 -22.46 12.35
CA GLU B 139 -2.02 -21.68 13.35
C GLU B 139 -2.71 -20.35 13.63
N PRO B 140 -2.73 -19.85 14.86
CA PRO B 140 -3.50 -18.63 15.15
C PRO B 140 -3.01 -17.43 14.37
N ASP B 141 -1.72 -17.33 14.09
CA ASP B 141 -1.19 -16.21 13.35
C ASP B 141 -0.97 -16.61 11.83
N GLY B 142 -1.61 -17.68 11.37
CA GLY B 142 -1.26 -18.20 10.04
C GLY B 142 -1.87 -17.44 8.84
N LEU B 143 -3.13 -17.00 9.04
CA LEU B 143 -3.83 -16.42 7.89
C LEU B 143 -4.29 -14.99 8.16
N ALA B 144 -4.42 -14.26 7.05
CA ALA B 144 -4.94 -12.86 7.15
C ALA B 144 -5.93 -12.81 5.98
N VAL B 145 -7.17 -12.40 6.37
CA VAL B 145 -8.17 -12.20 5.30
C VAL B 145 -8.70 -10.77 5.31
N LEU B 146 -8.60 -10.16 4.12
CA LEU B 146 -9.12 -8.83 3.94
C LEU B 146 -10.57 -8.93 3.52
N GLY B 147 -11.47 -8.24 4.21
CA GLY B 147 -12.90 -8.31 3.78
C GLY B 147 -13.26 -6.97 3.18
N VAL B 148 -13.94 -6.96 2.02
CA VAL B 148 -14.35 -5.70 1.35
C VAL B 148 -15.85 -5.86 1.10
N PHE B 149 -16.65 -4.92 1.61
CA PHE B 149 -18.09 -4.97 1.36
C PHE B 149 -18.36 -4.46 -0.05
N LEU B 150 -19.40 -5.04 -0.63
CA LEU B 150 -20.01 -4.53 -1.93
C LEU B 150 -21.45 -4.02 -1.67
N GLN B 151 -21.67 -2.81 -2.21
CA GLN B 151 -23.03 -2.22 -2.13
C GLN B 151 -23.51 -2.06 -3.59
N ILE B 152 -24.84 -2.05 -3.81
CA ILE B 152 -25.35 -1.88 -5.18
C ILE B 152 -25.10 -0.41 -5.61
N GLY B 153 -24.58 -0.27 -6.79
CA GLY B 153 -24.45 1.05 -7.43
C GLY B 153 -24.10 0.87 -8.86
N GLU B 154 -23.12 1.67 -9.30
CA GLU B 154 -22.71 1.59 -10.71
C GLU B 154 -22.00 0.26 -10.96
N PRO B 155 -22.06 -0.26 -12.18
CA PRO B 155 -21.38 -1.47 -12.52
C PRO B 155 -19.87 -1.25 -12.26
N ASN B 156 -19.23 -2.35 -11.87
CA ASN B 156 -17.80 -2.26 -11.55
C ASN B 156 -17.03 -2.90 -12.67
N SER B 157 -16.20 -2.08 -13.33
CA SER B 157 -15.54 -2.63 -14.50
C SER B 157 -14.55 -3.77 -14.24
N GLN B 158 -13.89 -3.77 -13.08
N GLN B 158 -13.92 -3.84 -13.07
CA GLN B 158 -12.98 -4.89 -12.74
CA GLN B 158 -13.04 -5.02 -12.82
C GLN B 158 -13.75 -6.19 -12.44
C GLN B 158 -13.84 -6.26 -12.56
N LEU B 159 -14.94 -6.08 -11.84
CA LEU B 159 -15.79 -7.23 -11.56
C LEU B 159 -16.43 -7.76 -12.79
N GLN B 160 -16.63 -6.92 -13.82
CA GLN B 160 -17.16 -7.42 -15.09
C GLN B 160 -16.26 -8.54 -15.62
N LYS B 161 -14.92 -8.45 -15.38
CA LYS B 161 -14.02 -9.47 -15.86
C LYS B 161 -14.34 -10.87 -15.27
N ILE B 162 -14.73 -10.81 -13.99
CA ILE B 162 -15.20 -12.00 -13.32
C ILE B 162 -16.56 -12.48 -13.82
N THR B 163 -17.54 -11.58 -13.84
CA THR B 163 -18.87 -11.98 -14.34
C THR B 163 -18.81 -12.58 -15.76
N ASP B 164 -17.91 -12.10 -16.62
CA ASP B 164 -17.80 -12.65 -17.99
C ASP B 164 -17.37 -14.08 -18.06
N THR B 165 -16.71 -14.58 -17.01
CA THR B 165 -16.23 -15.92 -16.95
C THR B 165 -17.28 -16.87 -16.44
N LEU B 166 -18.36 -16.36 -15.84
CA LEU B 166 -19.15 -17.27 -15.03
C LEU B 166 -19.91 -18.31 -15.87
N ASP B 167 -20.35 -17.93 -17.06
CA ASP B 167 -21.01 -18.98 -17.90
C ASP B 167 -20.10 -20.19 -18.12
N SER B 168 -18.79 -19.99 -18.22
CA SER B 168 -17.86 -21.08 -18.43
C SER B 168 -17.57 -21.95 -17.21
N ILE B 169 -17.94 -21.48 -16.01
CA ILE B 169 -17.76 -22.25 -14.80
C ILE B 169 -19.06 -22.46 -14.00
N LYS B 170 -20.19 -22.60 -14.73
CA LYS B 170 -21.45 -22.78 -14.05
C LYS B 170 -21.50 -24.02 -13.13
N GLU B 171 -20.97 -25.16 -13.58
CA GLU B 171 -20.96 -26.35 -12.75
C GLU B 171 -19.91 -26.47 -11.72
N LYS B 172 -20.24 -27.10 -10.59
CA LYS B 172 -19.25 -27.31 -9.53
C LYS B 172 -18.07 -28.03 -10.13
N GLY B 173 -16.88 -27.52 -9.82
CA GLY B 173 -15.64 -28.10 -10.30
C GLY B 173 -15.10 -27.52 -11.57
N LYS B 174 -15.86 -26.72 -12.30
CA LYS B 174 -15.36 -26.15 -13.55
C LYS B 174 -14.31 -25.07 -13.24
N GLN B 175 -13.29 -25.00 -14.09
CA GLN B 175 -12.27 -23.95 -14.03
C GLN B 175 -11.93 -23.37 -15.37
N THR B 176 -11.36 -22.17 -15.34
CA THR B 176 -10.93 -21.55 -16.55
C THR B 176 -9.82 -20.54 -16.27
N ARG B 177 -9.05 -20.18 -17.30
CA ARG B 177 -7.90 -19.36 -17.03
C ARG B 177 -8.41 -17.96 -16.83
N PHE B 178 -7.69 -17.22 -15.99
CA PHE B 178 -8.08 -15.91 -15.62
C PHE B 178 -6.84 -15.17 -15.05
N THR B 179 -6.42 -14.12 -15.74
CA THR B 179 -5.20 -13.39 -15.29
C THR B 179 -5.35 -11.90 -15.59
N ASN B 180 -4.27 -11.18 -15.28
N ASN B 180 -4.33 -11.10 -15.31
CA ASN B 180 -4.24 -9.72 -15.37
CA ASN B 180 -4.47 -9.62 -15.44
C ASN B 180 -5.47 -9.10 -14.66
C ASN B 180 -5.63 -9.06 -14.63
N PHE B 181 -5.61 -9.40 -13.36
CA PHE B 181 -6.66 -8.92 -12.46
C PHE B 181 -6.06 -7.91 -11.47
N ASP B 182 -6.52 -6.64 -11.56
CA ASP B 182 -5.84 -5.56 -10.85
C ASP B 182 -6.61 -5.41 -9.54
N LEU B 183 -6.29 -6.35 -8.62
CA LEU B 183 -6.95 -6.42 -7.39
C LEU B 183 -6.73 -5.16 -6.57
N LEU B 184 -5.49 -4.56 -6.71
CA LEU B 184 -5.21 -3.37 -6.00
C LEU B 184 -6.19 -2.22 -6.32
N SER B 185 -6.48 -2.08 -7.61
N SER B 185 -6.46 -2.05 -7.61
CA SER B 185 -7.39 -1.01 -8.05
CA SER B 185 -7.35 -0.97 -8.04
C SER B 185 -8.84 -1.28 -7.68
C SER B 185 -8.84 -1.29 -7.76
N LEU B 186 -9.14 -2.53 -7.39
CA LEU B 186 -10.51 -2.87 -6.99
C LEU B 186 -10.86 -2.37 -5.59
N LEU B 187 -9.84 -2.22 -4.71
CA LEU B 187 -10.11 -1.78 -3.36
C LEU B 187 -10.68 -0.36 -3.24
N PRO B 188 -11.48 -0.05 -2.20
CA PRO B 188 -12.13 1.28 -2.12
C PRO B 188 -11.10 2.38 -1.89
N PRO B 189 -11.51 3.63 -2.04
CA PRO B 189 -10.57 4.72 -1.85
C PRO B 189 -9.95 4.70 -0.39
N SER B 190 -10.77 4.48 0.66
CA SER B 190 -10.23 4.46 2.02
C SER B 190 -9.91 3.04 2.44
N TRP B 191 -8.76 2.85 3.09
CA TRP B 191 -8.45 1.52 3.67
C TRP B 191 -8.48 1.55 5.19
N ASP B 192 -9.33 2.39 5.73
CA ASP B 192 -9.51 2.35 7.19
C ASP B 192 -10.30 1.01 7.48
N TYR B 193 -9.96 0.36 8.60
CA TYR B 193 -10.45 -0.99 8.80
C TYR B 193 -10.69 -1.29 10.27
N TRP B 194 -11.42 -2.36 10.53
CA TRP B 194 -11.53 -3.01 11.80
C TRP B 194 -10.82 -4.33 11.77
N THR B 195 -10.34 -4.78 12.95
CA THR B 195 -9.65 -6.03 12.98
C THR B 195 -9.92 -6.82 14.24
N TYR B 196 -9.95 -8.11 14.12
CA TYR B 196 -10.20 -9.01 15.28
C TYR B 196 -9.68 -10.39 14.93
N PRO B 197 -9.36 -11.25 15.93
CA PRO B 197 -8.96 -12.59 15.68
C PRO B 197 -10.20 -13.47 15.45
N GLY B 198 -10.13 -14.29 14.42
CA GLY B 198 -11.24 -15.18 14.11
C GLY B 198 -10.91 -16.35 13.31
N SER B 199 -11.87 -16.74 12.44
CA SER B 199 -11.80 -18.04 11.80
C SER B 199 -12.10 -18.01 10.33
N LEU B 200 -11.87 -19.12 9.65
CA LEU B 200 -12.50 -19.32 8.36
C LEU B 200 -14.03 -19.30 8.55
N THR B 201 -14.74 -18.80 7.53
CA THR B 201 -16.23 -18.72 7.64
C THR B 201 -16.84 -19.87 6.89
N VAL B 202 -16.04 -20.84 6.47
CA VAL B 202 -16.50 -22.11 5.85
C VAL B 202 -15.80 -23.25 6.55
N PRO B 203 -16.39 -24.41 6.62
CA PRO B 203 -15.68 -25.60 6.99
C PRO B 203 -14.35 -25.63 6.26
N PRO B 204 -13.27 -25.97 7.05
CA PRO B 204 -13.20 -26.50 8.40
C PRO B 204 -13.24 -25.52 9.56
N LEU B 205 -13.52 -24.19 9.26
CA LEU B 205 -13.80 -23.23 10.35
C LEU B 205 -12.60 -23.01 11.33
N LEU B 206 -11.39 -23.17 10.76
CA LEU B 206 -10.16 -23.12 11.62
C LEU B 206 -9.91 -21.72 12.13
N GLU B 207 -9.53 -21.60 13.40
CA GLU B 207 -9.36 -20.35 14.11
C GLU B 207 -7.92 -19.84 13.93
N SER B 208 -7.65 -19.50 12.70
CA SER B 208 -6.30 -19.14 12.21
C SER B 208 -6.30 -17.82 11.48
N VAL B 209 -7.39 -17.04 11.61
CA VAL B 209 -7.45 -15.85 10.76
C VAL B 209 -7.40 -14.53 11.51
N THR B 210 -6.51 -13.58 11.07
CA THR B 210 -6.54 -12.25 11.52
C THR B 210 -7.44 -11.56 10.43
N TRP B 211 -8.61 -11.14 10.92
CA TRP B 211 -9.53 -10.44 10.00
C TRP B 211 -9.19 -8.96 9.95
N ILE B 212 -9.24 -8.45 8.74
CA ILE B 212 -9.05 -7.03 8.46
C ILE B 212 -10.30 -6.64 7.57
N VAL B 213 -11.25 -5.93 8.14
CA VAL B 213 -12.50 -5.65 7.36
C VAL B 213 -12.52 -4.14 7.07
N LEU B 214 -12.46 -3.78 5.79
CA LEU B 214 -12.52 -2.35 5.38
C LEU B 214 -13.89 -1.76 5.62
N LYS B 215 -13.90 -0.53 6.19
CA LYS B 215 -15.17 0.20 6.42
C LYS B 215 -15.90 0.64 5.10
N GLN B 216 -15.16 1.02 4.11
CA GLN B 216 -15.81 1.61 2.91
C GLN B 216 -16.14 0.54 1.88
N PRO B 217 -17.42 0.43 1.51
CA PRO B 217 -17.77 -0.55 0.45
C PRO B 217 -17.34 -0.10 -0.98
N ILE B 218 -17.19 -1.08 -1.85
CA ILE B 218 -17.10 -0.83 -3.30
C ILE B 218 -18.44 -1.07 -3.92
N ASN B 219 -18.61 -0.71 -5.21
N ASN B 219 -18.54 -0.73 -5.23
CA ASN B 219 -19.93 -0.83 -5.84
CA ASN B 219 -19.79 -0.86 -6.00
C ASN B 219 -19.96 -2.00 -6.82
C ASN B 219 -19.91 -2.12 -6.84
N ILE B 220 -21.15 -2.58 -6.99
CA ILE B 220 -21.42 -3.60 -7.98
C ILE B 220 -22.87 -3.30 -8.51
N SER B 221 -23.11 -3.66 -9.76
CA SER B 221 -24.51 -3.40 -10.16
C SER B 221 -25.35 -4.60 -9.68
N SER B 222 -26.65 -4.31 -9.58
N SER B 222 -26.70 -4.47 -9.61
CA SER B 222 -27.56 -5.34 -9.30
CA SER B 222 -27.56 -5.67 -9.30
C SER B 222 -27.49 -6.52 -10.28
C SER B 222 -27.41 -6.74 -10.36
N GLN B 223 -27.28 -6.29 -11.60
CA GLN B 223 -27.18 -7.32 -12.63
C GLN B 223 -25.87 -8.13 -12.57
N GLN B 224 -24.76 -7.46 -12.28
CA GLN B 224 -23.53 -8.24 -12.11
C GLN B 224 -23.66 -9.11 -10.85
N LEU B 225 -24.20 -8.60 -9.75
CA LEU B 225 -24.33 -9.47 -8.56
C LEU B 225 -25.18 -10.72 -8.81
N ALA B 226 -26.32 -10.49 -9.55
CA ALA B 226 -27.18 -11.61 -9.80
C ALA B 226 -26.55 -12.70 -10.59
N LYS B 227 -25.56 -12.41 -11.41
CA LYS B 227 -24.86 -13.43 -12.18
C LYS B 227 -24.24 -14.53 -11.30
N PHE B 228 -23.75 -14.11 -10.11
CA PHE B 228 -23.19 -15.10 -9.22
C PHE B 228 -24.14 -16.17 -8.71
N ARG B 229 -25.42 -15.81 -8.55
CA ARG B 229 -26.42 -16.75 -8.07
C ARG B 229 -26.78 -17.81 -9.11
N SER B 230 -26.31 -17.66 -10.35
CA SER B 230 -26.52 -18.67 -11.40
C SER B 230 -25.46 -19.79 -11.35
N LEU B 231 -24.39 -19.64 -10.52
CA LEU B 231 -23.48 -20.75 -10.29
C LEU B 231 -24.24 -21.90 -9.64
N LEU B 232 -23.85 -23.12 -10.01
CA LEU B 232 -24.44 -24.28 -9.31
C LEU B 232 -23.61 -24.72 -8.15
N CYS B 233 -24.26 -25.27 -7.12
CA CYS B 233 -23.54 -25.89 -6.03
C CYS B 233 -23.46 -27.38 -6.25
N THR B 234 -23.96 -27.80 -7.42
CA THR B 234 -23.93 -29.21 -7.84
C THR B 234 -23.02 -29.45 -9.05
N ALA B 235 -22.36 -30.63 -9.05
CA ALA B 235 -21.44 -31.05 -10.15
C ALA B 235 -22.18 -31.45 -11.42
N GLU B 236 -21.46 -31.47 -12.53
CA GLU B 236 -22.04 -31.92 -13.82
C GLU B 236 -22.68 -33.31 -13.59
N GLY B 237 -23.91 -33.51 -14.08
CA GLY B 237 -24.60 -34.82 -13.97
C GLY B 237 -25.36 -35.13 -12.67
N GLU B 238 -25.37 -34.17 -11.74
CA GLU B 238 -26.17 -34.23 -10.50
C GLU B 238 -27.43 -33.40 -10.71
N ALA B 239 -28.45 -33.61 -9.88
CA ALA B 239 -29.64 -32.76 -9.95
C ALA B 239 -29.20 -31.29 -9.62
N ALA B 240 -29.41 -30.35 -10.57
CA ALA B 240 -29.01 -28.90 -10.44
C ALA B 240 -29.63 -28.14 -9.23
N ALA B 241 -28.76 -27.50 -8.44
CA ALA B 241 -29.27 -26.57 -7.40
C ALA B 241 -28.39 -25.35 -7.53
N PHE B 242 -29.00 -24.20 -7.30
CA PHE B 242 -28.29 -22.92 -7.45
C PHE B 242 -27.71 -22.38 -6.15
N LEU B 243 -26.52 -21.77 -6.29
CA LEU B 243 -25.83 -21.10 -5.18
C LEU B 243 -26.44 -19.70 -4.99
N VAL B 244 -27.73 -19.65 -4.56
CA VAL B 244 -28.35 -18.28 -4.50
C VAL B 244 -27.89 -17.46 -3.31
N SER B 245 -27.26 -18.15 -2.31
CA SER B 245 -26.87 -17.51 -1.04
C SER B 245 -25.75 -18.35 -0.45
N ASN B 246 -24.72 -17.66 0.10
CA ASN B 246 -23.55 -18.43 0.58
C ASN B 246 -22.85 -17.60 1.63
N HIS B 247 -23.62 -17.04 2.55
CA HIS B 247 -23.00 -16.28 3.65
C HIS B 247 -23.40 -16.90 4.96
N ARG B 248 -22.42 -16.98 5.89
CA ARG B 248 -22.64 -17.54 7.22
C ARG B 248 -23.15 -16.43 8.13
N PRO B 249 -24.11 -16.78 9.04
CA PRO B 249 -24.55 -15.82 10.02
C PRO B 249 -23.50 -15.34 10.98
N PRO B 250 -23.68 -14.19 11.59
CA PRO B 250 -22.69 -13.71 12.61
C PRO B 250 -22.64 -14.67 13.85
N GLN B 251 -21.42 -14.79 14.42
CA GLN B 251 -21.13 -15.70 15.51
C GLN B 251 -20.81 -14.87 16.76
N PRO B 252 -21.00 -15.47 17.97
CA PRO B 252 -20.74 -14.75 19.23
C PRO B 252 -19.31 -14.27 19.37
N LEU B 253 -19.23 -13.04 19.81
CA LEU B 253 -17.91 -12.41 20.01
C LEU B 253 -17.05 -13.12 21.09
N LYS B 254 -17.73 -13.63 22.11
CA LYS B 254 -17.07 -14.37 23.17
C LYS B 254 -15.82 -13.57 23.76
N GLY B 255 -16.00 -12.28 24.01
CA GLY B 255 -14.94 -11.52 24.73
C GLY B 255 -13.76 -11.01 23.92
N ARG B 256 -13.78 -11.24 22.60
CA ARG B 256 -12.74 -10.69 21.73
C ARG B 256 -12.84 -9.21 21.60
N LYS B 257 -11.67 -8.60 21.37
CA LYS B 257 -11.54 -7.15 21.23
C LYS B 257 -11.53 -6.82 19.69
N VAL B 258 -12.52 -6.07 19.24
CA VAL B 258 -12.51 -5.55 17.82
C VAL B 258 -11.87 -4.18 17.88
N ARG B 259 -10.83 -4.02 17.09
CA ARG B 259 -10.11 -2.76 17.12
C ARG B 259 -10.36 -1.93 15.81
N ALA B 260 -10.21 -0.60 15.86
CA ALA B 260 -10.33 0.27 14.66
C ALA B 260 -9.02 0.90 14.44
N SER B 261 -8.67 0.99 13.16
CA SER B 261 -7.50 1.72 12.73
C SER B 261 -7.69 3.22 12.67
N PHE B 262 -8.90 3.68 12.95
CA PHE B 262 -9.23 5.07 12.70
C PHE B 262 -10.21 5.50 13.78
N HIS B 263 -10.36 6.84 13.91
CA HIS B 263 -11.39 7.42 14.84
C HIS B 263 -11.83 8.77 14.32
#